data_2HZA
#
_entry.id   2HZA
#
_cell.length_a   49.843
_cell.length_b   49.843
_cell.length_c   181.691
_cell.angle_alpha   90.00
_cell.angle_beta   90.00
_cell.angle_gamma   120.00
#
_symmetry.space_group_name_H-M   'P 31 2 1'
#
loop_
_entity.id
_entity.type
_entity.pdbx_description
1 polymer 'Nickel-responsive regulator'
2 non-polymer 'NICKEL (II) ION'
3 non-polymer '3-CYCLOHEXYLPROPYL 4-O-ALPHA-D-GLUCOPYRANOSYL-BETA-D-GLUCOPYRANOSIDE'
4 water water
#
_entity_poly.entity_id   1
_entity_poly.type   'polypeptide(L)'
_entity_poly.pdbx_seq_one_letter_code
;(MSE)QRVTITLDDDLLETLDSLSQRRGYNNRSEAIRDILRSALAQEATQQHGTQGFAVLSYVYEHEKRDLASRIVSTQH
HHHDLSVATLHVHINHDDCLEIAVLKGD(MSE)GDVQHFADDVIAQRGVRHGHLQCLPKED
;
_entity_poly.pdbx_strand_id   A,B
#
loop_
_chem_comp.id
_chem_comp.type
_chem_comp.name
_chem_comp.formula
3CM D-saccharide '3-CYCLOHEXYLPROPYL 4-O-ALPHA-D-GLUCOPYRANOSYL-BETA-D-GLUCOPYRANOSIDE' 'C21 H38 O11'
NI non-polymer 'NICKEL (II) ION' 'Ni 2'
#
# COMPACT_ATOMS: atom_id res chain seq x y z
N MSE A 1 -0.74 -12.39 -26.08
CA MSE A 1 -1.43 -11.18 -26.56
C MSE A 1 -2.89 -11.44 -26.85
O MSE A 1 -3.23 -12.06 -27.87
CB MSE A 1 -0.77 -10.66 -27.85
CG MSE A 1 0.57 -9.97 -27.65
SE MSE A 1 0.41 -8.37 -26.57
CE MSE A 1 1.71 -8.78 -25.19
N GLN A 2 -3.78 -10.98 -25.97
CA GLN A 2 -5.20 -11.18 -26.20
C GLN A 2 -5.99 -9.90 -25.98
N ARG A 3 -6.92 -9.64 -26.89
CA ARG A 3 -7.78 -8.47 -26.76
C ARG A 3 -8.94 -8.90 -25.90
N VAL A 4 -9.12 -8.23 -24.77
CA VAL A 4 -10.19 -8.54 -23.85
C VAL A 4 -11.17 -7.38 -23.79
N THR A 5 -12.44 -7.71 -24.03
CA THR A 5 -13.53 -6.74 -24.01
C THR A 5 -14.13 -6.69 -22.63
N ILE A 6 -14.21 -5.49 -22.09
CA ILE A 6 -14.75 -5.28 -20.77
C ILE A 6 -16.03 -4.45 -20.85
N THR A 7 -17.02 -4.85 -20.07
CA THR A 7 -18.29 -4.15 -20.06
C THR A 7 -18.35 -3.28 -18.80
N LEU A 8 -18.47 -1.97 -19.01
CA LEU A 8 -18.50 -1.00 -17.92
C LEU A 8 -19.73 -0.09 -17.95
N ASP A 9 -20.28 0.19 -16.77
CA ASP A 9 -21.45 1.06 -16.64
C ASP A 9 -21.04 2.53 -16.85
N ASP A 10 -22.00 3.35 -17.29
CA ASP A 10 -21.73 4.76 -17.55
C ASP A 10 -21.01 5.51 -16.45
N ASP A 11 -21.55 5.43 -15.24
CA ASP A 11 -20.95 6.13 -14.11
C ASP A 11 -19.47 5.77 -13.97
N LEU A 12 -19.18 4.48 -13.98
CA LEU A 12 -17.81 3.99 -13.83
C LEU A 12 -16.87 4.49 -14.92
N LEU A 13 -17.31 4.45 -16.17
CA LEU A 13 -16.48 4.91 -17.28
C LEU A 13 -16.20 6.40 -17.17
N GLU A 14 -17.17 7.18 -16.70
CA GLU A 14 -16.96 8.62 -16.56
C GLU A 14 -15.90 8.85 -15.49
N THR A 15 -15.94 8.06 -14.43
CA THR A 15 -14.96 8.18 -13.36
C THR A 15 -13.58 7.86 -13.90
N LEU A 16 -13.47 6.70 -14.56
CA LEU A 16 -12.20 6.28 -15.12
C LEU A 16 -11.69 7.42 -16.00
N ASP A 17 -12.59 8.00 -16.79
CA ASP A 17 -12.22 9.08 -17.68
C ASP A 17 -11.70 10.32 -16.94
N SER A 18 -12.50 10.86 -16.04
CA SER A 18 -12.09 12.05 -15.28
C SER A 18 -10.78 11.86 -14.52
N LEU A 19 -10.71 10.80 -13.72
CA LEU A 19 -9.51 10.54 -12.96
C LEU A 19 -8.31 10.36 -13.87
N SER A 20 -8.53 9.66 -14.98
CA SER A 20 -7.45 9.43 -15.93
C SER A 20 -6.85 10.70 -16.49
N GLN A 21 -7.70 11.63 -16.93
CA GLN A 21 -7.22 12.87 -17.51
C GLN A 21 -6.45 13.74 -16.51
N ARG A 22 -6.94 13.80 -15.27
CA ARG A 22 -6.28 14.59 -14.25
C ARG A 22 -4.86 14.05 -14.05
N ARG A 23 -4.75 12.72 -14.11
CA ARG A 23 -3.47 12.04 -13.90
C ARG A 23 -2.63 11.89 -15.17
N GLY A 24 -3.00 12.60 -16.23
CA GLY A 24 -2.24 12.54 -17.46
C GLY A 24 -2.44 11.39 -18.43
N TYR A 25 -3.43 10.52 -18.21
CA TYR A 25 -3.67 9.42 -19.16
C TYR A 25 -4.55 9.92 -20.28
N ASN A 26 -4.14 9.69 -21.52
CA ASN A 26 -4.93 10.14 -22.66
C ASN A 26 -5.89 9.08 -23.21
N ASN A 27 -5.71 7.83 -22.83
CA ASN A 27 -6.64 6.79 -23.28
C ASN A 27 -6.89 5.73 -22.21
N ARG A 28 -8.05 5.09 -22.33
CA ARG A 28 -8.50 4.08 -21.37
C ARG A 28 -7.74 2.77 -21.20
N SER A 29 -7.25 2.19 -22.29
CA SER A 29 -6.54 0.91 -22.19
C SER A 29 -5.27 0.99 -21.36
N GLU A 30 -4.49 2.05 -21.54
CA GLU A 30 -3.25 2.22 -20.79
C GLU A 30 -3.58 2.37 -19.32
N ALA A 31 -4.58 3.21 -19.03
CA ALA A 31 -4.99 3.43 -17.67
C ALA A 31 -5.43 2.11 -17.05
N ILE A 32 -6.32 1.39 -17.73
CA ILE A 32 -6.78 0.13 -17.18
C ILE A 32 -5.63 -0.89 -17.01
N ARG A 33 -4.70 -0.92 -17.95
CA ARG A 33 -3.57 -1.84 -17.86
C ARG A 33 -2.69 -1.53 -16.63
N ASP A 34 -2.43 -0.25 -16.36
CA ASP A 34 -1.61 0.13 -15.21
C ASP A 34 -2.27 -0.30 -13.89
N ILE A 35 -3.57 -0.07 -13.80
CA ILE A 35 -4.33 -0.46 -12.62
C ILE A 35 -4.25 -1.97 -12.43
N LEU A 36 -4.47 -2.70 -13.52
CA LEU A 36 -4.44 -4.15 -13.47
C LEU A 36 -3.08 -4.72 -13.03
N ARG A 37 -2.00 -4.20 -13.62
CA ARG A 37 -0.66 -4.65 -13.28
C ARG A 37 -0.39 -4.36 -11.81
N SER A 38 -0.68 -3.14 -11.39
CA SER A 38 -0.48 -2.74 -10.00
C SER A 38 -1.22 -3.69 -9.05
N ALA A 39 -2.53 -3.82 -9.28
CA ALA A 39 -3.38 -4.66 -8.44
C ALA A 39 -2.98 -6.13 -8.42
N LEU A 40 -2.72 -6.71 -9.60
CA LEU A 40 -2.34 -8.11 -9.63
C LEU A 40 -0.99 -8.30 -8.95
N ALA A 41 -0.13 -7.29 -9.07
CA ALA A 41 1.19 -7.32 -8.45
C ALA A 41 1.08 -7.44 -6.94
N GLN A 42 0.19 -6.65 -6.34
CA GLN A 42 0.00 -6.70 -4.88
C GLN A 42 -0.57 -8.03 -4.44
N GLU A 43 -1.59 -8.52 -5.15
CA GLU A 43 -2.19 -9.81 -4.80
C GLU A 43 -1.13 -10.90 -4.76
N ALA A 44 -0.31 -10.97 -5.80
CA ALA A 44 0.74 -11.99 -5.87
C ALA A 44 1.69 -11.84 -4.71
N THR A 45 1.71 -10.63 -4.16
CA THR A 45 2.57 -10.30 -3.04
C THR A 45 1.99 -10.85 -1.72
N GLN A 46 0.68 -11.07 -1.71
CA GLN A 46 -0.03 -11.53 -0.53
C GLN A 46 -0.46 -13.00 -0.57
N GLN A 47 0.41 -13.86 -1.11
CA GLN A 47 0.10 -15.28 -1.26
C GLN A 47 0.68 -16.26 -0.24
N HIS A 48 -0.17 -17.18 0.19
CA HIS A 48 0.22 -18.21 1.13
C HIS A 48 1.37 -19.01 0.55
N GLY A 49 2.18 -19.60 1.43
CA GLY A 49 3.29 -20.41 0.97
C GLY A 49 4.63 -19.70 0.98
N THR A 50 4.60 -18.38 1.13
CA THR A 50 5.85 -17.62 1.15
C THR A 50 5.98 -16.84 2.45
N GLN A 51 7.20 -16.79 2.97
CA GLN A 51 7.47 -16.06 4.20
C GLN A 51 7.90 -14.65 3.85
N GLY A 52 7.92 -13.77 4.84
CA GLY A 52 8.34 -12.42 4.59
C GLY A 52 7.88 -11.45 5.67
N PHE A 53 7.98 -10.16 5.36
CA PHE A 53 7.57 -9.12 6.28
C PHE A 53 6.46 -8.32 5.63
N ALA A 54 5.85 -7.42 6.39
CA ALA A 54 4.81 -6.56 5.87
C ALA A 54 4.66 -5.33 6.73
N VAL A 55 4.11 -4.29 6.12
CA VAL A 55 3.86 -3.05 6.84
C VAL A 55 2.38 -2.76 6.76
N LEU A 56 1.75 -2.67 7.91
CA LEU A 56 0.31 -2.39 7.96
C LEU A 56 0.09 -1.07 8.67
N SER A 57 -0.44 -0.09 7.97
CA SER A 57 -0.68 1.21 8.58
C SER A 57 -2.16 1.58 8.51
N TYR A 58 -2.60 2.35 9.51
CA TYR A 58 -3.99 2.76 9.59
C TYR A 58 -4.18 3.86 10.61
N VAL A 59 -5.28 4.59 10.46
CA VAL A 59 -5.62 5.67 11.38
C VAL A 59 -6.89 5.26 12.10
N TYR A 60 -6.95 5.45 13.41
CA TYR A 60 -8.16 5.10 14.15
C TYR A 60 -8.44 6.08 15.29
N GLU A 61 -9.70 6.14 15.67
CA GLU A 61 -10.15 7.02 16.77
C GLU A 61 -10.09 6.13 18.00
N HIS A 62 -9.17 6.45 18.91
CA HIS A 62 -9.02 5.61 20.09
C HIS A 62 -10.25 5.52 20.97
N GLU A 63 -11.09 6.56 21.00
CA GLU A 63 -12.25 6.44 21.91
C GLU A 63 -13.24 5.37 21.38
N LYS A 64 -13.52 5.37 20.07
CA LYS A 64 -14.45 4.42 19.43
C LYS A 64 -14.99 3.24 20.26
N ARG A 65 -14.76 2.02 19.80
CA ARG A 65 -15.25 0.82 20.49
C ARG A 65 -14.30 0.45 21.62
N ASP A 66 -13.50 1.43 22.06
CA ASP A 66 -12.46 1.19 23.04
C ASP A 66 -11.61 0.39 22.06
N LEU A 67 -11.71 0.85 20.81
CA LEU A 67 -11.02 0.31 19.66
C LEU A 67 -9.55 0.11 20.02
N ALA A 68 -9.04 1.03 20.83
CA ALA A 68 -7.65 0.96 21.31
C ALA A 68 -7.37 -0.44 21.87
N SER A 69 -8.22 -0.89 22.79
CA SER A 69 -8.07 -2.20 23.42
C SER A 69 -8.24 -3.38 22.45
N ARG A 70 -9.24 -3.28 21.59
CA ARG A 70 -9.52 -4.36 20.64
C ARG A 70 -8.38 -4.48 19.63
N ILE A 71 -7.87 -3.34 19.15
CA ILE A 71 -6.78 -3.40 18.18
C ILE A 71 -5.55 -4.08 18.79
N VAL A 72 -5.29 -3.79 20.07
CA VAL A 72 -4.15 -4.39 20.79
C VAL A 72 -4.44 -5.86 21.14
N SER A 73 -5.64 -6.12 21.62
CA SER A 73 -6.03 -7.48 21.98
C SER A 73 -5.88 -8.36 20.75
N THR A 74 -6.36 -7.87 19.62
CA THR A 74 -6.26 -8.64 18.39
C THR A 74 -4.81 -8.88 18.01
N GLN A 75 -3.98 -7.84 18.13
CA GLN A 75 -2.57 -8.00 17.80
C GLN A 75 -1.96 -9.10 18.67
N HIS A 76 -2.30 -9.09 19.96
CA HIS A 76 -1.79 -10.09 20.88
C HIS A 76 -2.33 -11.47 20.51
N HIS A 77 -3.55 -11.51 19.98
CA HIS A 77 -4.15 -12.78 19.56
C HIS A 77 -3.26 -13.49 18.54
N HIS A 78 -2.56 -12.71 17.72
CA HIS A 78 -1.66 -13.24 16.70
C HIS A 78 -0.23 -12.70 16.87
N HIS A 79 0.19 -12.43 18.11
CA HIS A 79 1.50 -11.87 18.35
C HIS A 79 2.69 -12.60 17.74
N ASP A 80 2.45 -13.77 17.14
CA ASP A 80 3.54 -14.50 16.49
C ASP A 80 3.79 -13.82 15.14
N LEU A 81 2.78 -13.10 14.66
CA LEU A 81 2.86 -12.37 13.39
C LEU A 81 3.39 -10.94 13.58
N SER A 82 3.41 -10.48 14.82
CA SER A 82 3.86 -9.12 15.10
C SER A 82 5.33 -8.96 15.51
N VAL A 83 6.00 -8.00 14.88
CA VAL A 83 7.40 -7.68 15.19
C VAL A 83 7.29 -6.54 16.19
N ALA A 84 6.75 -5.40 15.76
CA ALA A 84 6.57 -4.25 16.62
C ALA A 84 5.63 -3.23 15.98
N THR A 85 5.06 -2.35 16.79
CA THR A 85 4.15 -1.32 16.30
C THR A 85 4.50 0.12 16.69
N LEU A 86 4.61 0.99 15.70
CA LEU A 86 4.90 2.39 15.96
C LEU A 86 3.53 3.08 16.00
N HIS A 87 3.33 3.92 17.02
CA HIS A 87 2.06 4.64 17.21
C HIS A 87 2.34 6.14 17.36
N VAL A 88 1.60 6.94 16.59
CA VAL A 88 1.76 8.39 16.65
C VAL A 88 0.42 9.05 16.95
N HIS A 89 0.36 9.81 18.05
CA HIS A 89 -0.87 10.48 18.45
C HIS A 89 -1.02 11.73 17.60
N ILE A 90 -1.76 11.61 16.50
CA ILE A 90 -1.96 12.73 15.58
C ILE A 90 -2.53 13.97 16.25
N ASN A 91 -3.63 13.79 16.96
CA ASN A 91 -4.30 14.88 17.65
C ASN A 91 -5.03 14.30 18.86
N HIS A 92 -5.92 15.08 19.43
CA HIS A 92 -6.68 14.64 20.58
C HIS A 92 -7.51 13.40 20.29
N ASP A 93 -7.95 13.24 19.04
CA ASP A 93 -8.82 12.12 18.67
C ASP A 93 -8.24 10.94 17.89
N ASP A 94 -7.36 11.21 16.94
CA ASP A 94 -6.83 10.15 16.10
C ASP A 94 -5.43 9.60 16.36
N CYS A 95 -5.26 8.31 16.06
CA CYS A 95 -3.99 7.62 16.24
C CYS A 95 -3.51 7.03 14.93
N LEU A 96 -2.26 7.28 14.58
CA LEU A 96 -1.64 6.71 13.40
C LEU A 96 -0.86 5.48 13.88
N GLU A 97 -1.16 4.31 13.32
CA GLU A 97 -0.44 3.10 13.72
C GLU A 97 0.20 2.46 12.52
N ILE A 98 1.40 1.94 12.72
CA ILE A 98 2.14 1.26 11.69
C ILE A 98 2.62 -0.03 12.34
N ALA A 99 2.04 -1.16 11.92
CA ALA A 99 2.43 -2.45 12.49
C ALA A 99 3.31 -3.21 11.52
N VAL A 100 4.44 -3.68 12.03
CA VAL A 100 5.33 -4.44 11.17
C VAL A 100 5.07 -5.91 11.46
N LEU A 101 4.80 -6.66 10.40
CA LEU A 101 4.48 -8.06 10.57
C LEU A 101 5.43 -8.98 9.83
N LYS A 102 5.46 -10.24 10.25
CA LYS A 102 6.31 -11.25 9.63
C LYS A 102 5.57 -12.59 9.71
N GLY A 103 5.95 -13.52 8.84
CA GLY A 103 5.31 -14.83 8.81
C GLY A 103 4.85 -15.17 7.41
N ASP A 104 3.76 -15.91 7.30
CA ASP A 104 3.23 -16.29 6.00
C ASP A 104 2.43 -15.14 5.43
N MSE A 105 2.86 -14.65 4.27
CA MSE A 105 2.22 -13.52 3.61
C MSE A 105 0.68 -13.63 3.53
O MSE A 105 -0.02 -12.64 3.70
CB MSE A 105 2.84 -13.33 2.20
CG MSE A 105 4.32 -12.94 2.24
SE MSE A 105 4.65 -11.19 3.06
CE MSE A 105 4.80 -11.69 4.92
N GLY A 106 0.17 -14.83 3.30
CA GLY A 106 -1.27 -15.02 3.23
C GLY A 106 -1.94 -14.80 4.57
N ASP A 107 -1.34 -15.35 5.63
CA ASP A 107 -1.89 -15.18 6.98
C ASP A 107 -1.83 -13.70 7.35
N VAL A 108 -0.69 -13.07 7.08
CA VAL A 108 -0.53 -11.66 7.39
C VAL A 108 -1.65 -10.90 6.68
N GLN A 109 -1.86 -11.22 5.41
CA GLN A 109 -2.90 -10.57 4.64
C GLN A 109 -4.26 -10.71 5.30
N HIS A 110 -4.64 -11.94 5.65
CA HIS A 110 -5.92 -12.18 6.29
C HIS A 110 -6.02 -11.40 7.60
N PHE A 111 -4.92 -11.33 8.33
CA PHE A 111 -4.93 -10.57 9.58
C PHE A 111 -5.17 -9.08 9.32
N ALA A 112 -4.42 -8.52 8.37
CA ALA A 112 -4.56 -7.10 8.04
C ALA A 112 -6.00 -6.72 7.77
N ASP A 113 -6.66 -7.50 6.92
CA ASP A 113 -8.06 -7.25 6.59
C ASP A 113 -8.95 -7.26 7.81
N ASP A 114 -8.73 -8.22 8.70
CA ASP A 114 -9.53 -8.30 9.91
C ASP A 114 -9.38 -6.98 10.68
N VAL A 115 -8.21 -6.37 10.57
CA VAL A 115 -7.93 -5.11 11.26
C VAL A 115 -8.46 -3.90 10.49
N ILE A 116 -8.12 -3.81 9.21
CA ILE A 116 -8.55 -2.69 8.38
C ILE A 116 -10.07 -2.62 8.27
N ALA A 117 -10.73 -3.76 8.39
CA ALA A 117 -12.19 -3.85 8.29
C ALA A 117 -12.91 -3.12 9.41
N GLN A 118 -12.57 -3.46 10.65
CA GLN A 118 -13.17 -2.86 11.83
C GLN A 118 -13.62 -1.43 11.59
N ARG A 119 -14.70 -1.05 12.27
CA ARG A 119 -15.24 0.30 12.14
C ARG A 119 -14.40 1.25 12.97
N GLY A 120 -14.29 2.50 12.51
CA GLY A 120 -13.50 3.49 13.24
C GLY A 120 -12.09 3.57 12.67
N VAL A 121 -11.67 2.49 12.03
CA VAL A 121 -10.35 2.39 11.41
C VAL A 121 -10.40 2.80 9.94
N ARG A 122 -9.74 3.92 9.61
CA ARG A 122 -9.70 4.41 8.24
C ARG A 122 -8.28 4.52 7.69
N HIS A 123 -8.19 4.73 6.37
CA HIS A 123 -6.90 4.88 5.68
C HIS A 123 -6.02 3.64 5.76
N GLY A 124 -6.60 2.49 6.06
CA GLY A 124 -5.82 1.26 6.16
C GLY A 124 -5.08 0.91 4.89
N HIS A 125 -3.88 0.32 5.03
CA HIS A 125 -3.10 -0.07 3.87
C HIS A 125 -2.04 -1.12 4.18
N LEU A 126 -1.99 -2.16 3.35
CA LEU A 126 -1.05 -3.25 3.55
C LEU A 126 -0.01 -3.33 2.46
N GLN A 127 1.22 -3.63 2.85
CA GLN A 127 2.30 -3.77 1.92
C GLN A 127 3.07 -5.00 2.33
N CYS A 128 2.92 -6.08 1.57
CA CYS A 128 3.62 -7.33 1.85
C CYS A 128 4.97 -7.37 1.17
N LEU A 129 5.99 -7.78 1.91
CA LEU A 129 7.35 -7.86 1.40
C LEU A 129 7.84 -9.30 1.47
N PRO A 130 7.45 -10.12 0.50
CA PRO A 130 7.80 -11.54 0.40
C PRO A 130 9.30 -11.77 0.37
N LYS A 131 9.74 -12.84 1.03
CA LYS A 131 11.14 -13.20 1.07
C LYS A 131 11.56 -13.68 -0.32
N MSE B 1 -25.11 0.48 -20.67
CA MSE B 1 -23.66 0.42 -20.35
C MSE B 1 -22.77 0.44 -21.59
O MSE B 1 -23.27 0.41 -22.71
CB MSE B 1 -23.36 -0.84 -19.54
CG MSE B 1 -23.87 -0.77 -18.12
SE MSE B 1 -23.58 -2.44 -17.20
CE MSE B 1 -21.65 -2.51 -17.26
N GLN B 2 -21.46 0.50 -21.36
CA GLN B 2 -20.52 0.54 -22.47
C GLN B 2 -19.49 -0.56 -22.38
N ARG B 3 -18.67 -0.66 -23.43
CA ARG B 3 -17.64 -1.69 -23.49
C ARG B 3 -16.32 -1.11 -23.97
N VAL B 4 -15.23 -1.53 -23.34
CA VAL B 4 -13.89 -1.08 -23.70
C VAL B 4 -13.04 -2.31 -23.92
N THR B 5 -12.37 -2.37 -25.07
CA THR B 5 -11.52 -3.51 -25.39
C THR B 5 -10.05 -3.15 -25.22
N ILE B 6 -9.32 -4.03 -24.54
CA ILE B 6 -7.92 -3.81 -24.24
C ILE B 6 -7.06 -5.01 -24.60
N THR B 7 -5.81 -4.75 -24.93
CA THR B 7 -4.89 -5.82 -25.25
C THR B 7 -4.07 -6.13 -24.01
N LEU B 8 -4.04 -7.39 -23.61
CA LEU B 8 -3.31 -7.81 -22.43
C LEU B 8 -2.36 -8.95 -22.75
N ASP B 9 -1.18 -8.91 -22.14
CA ASP B 9 -0.17 -9.93 -22.37
C ASP B 9 -0.50 -11.25 -21.70
N ASP B 10 0.04 -12.32 -22.25
CA ASP B 10 -0.19 -13.66 -21.76
C ASP B 10 0.04 -13.91 -20.28
N ASP B 11 1.22 -13.53 -19.77
CA ASP B 11 1.47 -13.78 -18.36
C ASP B 11 0.46 -13.07 -17.48
N LEU B 12 0.23 -11.79 -17.73
CA LEU B 12 -0.74 -11.04 -16.94
C LEU B 12 -2.09 -11.74 -16.97
N LEU B 13 -2.51 -12.18 -18.16
CA LEU B 13 -3.78 -12.87 -18.29
C LEU B 13 -3.76 -14.22 -17.56
N GLU B 14 -2.60 -14.86 -17.50
CA GLU B 14 -2.50 -16.14 -16.80
C GLU B 14 -2.73 -15.92 -15.31
N THR B 15 -2.26 -14.78 -14.81
CA THR B 15 -2.41 -14.40 -13.41
C THR B 15 -3.82 -13.90 -13.10
N LEU B 16 -4.41 -13.19 -14.06
CA LEU B 16 -5.77 -12.69 -13.88
C LEU B 16 -6.70 -13.89 -13.91
N ASP B 17 -6.49 -14.79 -14.85
CA ASP B 17 -7.34 -15.97 -14.98
C ASP B 17 -7.19 -16.89 -13.78
N SER B 18 -5.98 -16.95 -13.24
CA SER B 18 -5.73 -17.77 -12.07
C SER B 18 -6.65 -17.28 -10.95
N LEU B 19 -6.63 -15.97 -10.72
CA LEU B 19 -7.46 -15.36 -9.70
C LEU B 19 -8.94 -15.40 -10.05
N SER B 20 -9.24 -15.57 -11.33
CA SER B 20 -10.63 -15.60 -11.78
C SER B 20 -11.34 -16.89 -11.36
N GLN B 21 -10.76 -18.03 -11.71
CA GLN B 21 -11.36 -19.32 -11.37
C GLN B 21 -11.49 -19.42 -9.86
N ARG B 22 -10.41 -19.13 -9.15
CA ARG B 22 -10.40 -19.19 -7.69
C ARG B 22 -11.43 -18.25 -7.09
N ARG B 23 -11.16 -16.96 -7.15
CA ARG B 23 -12.06 -15.94 -6.58
C ARG B 23 -13.53 -16.13 -6.95
N GLY B 24 -13.83 -17.02 -7.88
CA GLY B 24 -15.22 -17.26 -8.23
C GLY B 24 -15.88 -16.18 -9.04
N TYR B 25 -15.15 -15.68 -10.05
CA TYR B 25 -15.67 -14.66 -10.95
C TYR B 25 -16.01 -15.38 -12.24
N ASN B 26 -17.09 -14.97 -12.91
CA ASN B 26 -17.49 -15.62 -14.16
C ASN B 26 -16.40 -15.53 -15.19
N ASN B 27 -15.81 -14.36 -15.31
CA ASN B 27 -14.77 -14.17 -16.32
C ASN B 27 -13.91 -12.93 -16.09
N ARG B 28 -12.99 -12.69 -17.02
CA ARG B 28 -12.07 -11.56 -16.97
C ARG B 28 -12.78 -10.24 -16.78
N SER B 29 -13.78 -10.00 -17.61
CA SER B 29 -14.55 -8.77 -17.57
C SER B 29 -15.06 -8.39 -16.18
N GLU B 30 -15.65 -9.36 -15.47
CA GLU B 30 -16.19 -9.11 -14.14
C GLU B 30 -15.09 -8.83 -13.12
N ALA B 31 -13.99 -9.58 -13.24
CA ALA B 31 -12.86 -9.42 -12.33
C ALA B 31 -12.24 -8.03 -12.54
N ILE B 32 -11.97 -7.67 -13.79
CA ILE B 32 -11.38 -6.38 -14.13
C ILE B 32 -12.28 -5.23 -13.68
N ARG B 33 -13.58 -5.41 -13.85
CA ARG B 33 -14.55 -4.40 -13.48
C ARG B 33 -14.50 -4.14 -11.98
N ASP B 34 -14.29 -5.19 -11.20
CA ASP B 34 -14.22 -5.02 -9.76
C ASP B 34 -12.90 -4.36 -9.35
N ILE B 35 -11.81 -4.78 -9.99
CA ILE B 35 -10.50 -4.20 -9.70
C ILE B 35 -10.52 -2.71 -10.01
N LEU B 36 -11.18 -2.32 -11.10
CA LEU B 36 -11.25 -0.91 -11.47
C LEU B 36 -12.04 -0.16 -10.42
N ARG B 37 -13.10 -0.78 -9.96
CA ARG B 37 -13.97 -0.18 -8.95
C ARG B 37 -13.16 0.22 -7.73
N SER B 38 -12.39 -0.73 -7.18
CA SER B 38 -11.59 -0.45 -5.99
C SER B 38 -10.51 0.59 -6.29
N ALA B 39 -9.78 0.38 -7.38
CA ALA B 39 -8.71 1.31 -7.75
C ALA B 39 -9.21 2.74 -7.81
N LEU B 40 -10.31 2.97 -8.51
CA LEU B 40 -10.85 4.31 -8.63
C LEU B 40 -11.39 4.81 -7.29
N ALA B 41 -11.97 3.91 -6.51
CA ALA B 41 -12.50 4.27 -5.21
C ALA B 41 -11.37 4.89 -4.40
N GLN B 42 -10.24 4.19 -4.38
CA GLN B 42 -9.05 4.63 -3.65
C GLN B 42 -8.41 5.83 -4.35
N GLU B 43 -9.22 6.84 -4.64
CA GLU B 43 -8.74 8.05 -5.31
C GLU B 43 -9.90 8.92 -5.79
N GLY B 49 -5.03 17.60 0.82
CA GLY B 49 -4.84 18.93 1.48
C GLY B 49 -3.38 19.36 1.42
N THR B 50 -3.07 20.50 2.03
CA THR B 50 -1.71 21.01 2.04
C THR B 50 -0.91 20.51 3.24
N GLN B 51 -1.54 20.50 4.41
CA GLN B 51 -0.88 20.04 5.62
C GLN B 51 -1.35 18.65 6.00
N GLY B 52 -0.47 17.89 6.65
CA GLY B 52 -0.83 16.54 7.05
C GLY B 52 0.32 15.63 7.43
N PHE B 53 0.02 14.34 7.45
CA PHE B 53 0.99 13.30 7.80
C PHE B 53 1.24 12.40 6.58
N ALA B 54 2.19 11.49 6.72
CA ALA B 54 2.54 10.57 5.65
C ALA B 54 3.37 9.43 6.23
N VAL B 55 3.30 8.27 5.58
CA VAL B 55 4.04 7.07 6.00
C VAL B 55 4.90 6.65 4.82
N LEU B 56 6.20 6.59 5.05
CA LEU B 56 7.14 6.23 4.00
C LEU B 56 7.86 4.96 4.42
N SER B 57 7.74 3.96 3.58
CA SER B 57 8.38 2.69 3.85
C SER B 57 9.27 2.33 2.68
N TYR B 58 10.35 1.64 2.98
CA TYR B 58 11.28 1.24 1.95
C TYR B 58 12.23 0.20 2.49
N VAL B 59 12.87 -0.52 1.59
CA VAL B 59 13.82 -1.54 1.98
C VAL B 59 15.15 -1.20 1.34
N TYR B 60 16.24 -1.48 2.04
CA TYR B 60 17.54 -1.19 1.47
C TYR B 60 18.65 -1.95 2.14
N GLU B 61 19.74 -2.15 1.41
CA GLU B 61 20.90 -2.83 1.96
C GLU B 61 21.71 -1.71 2.61
N HIS B 62 21.91 -1.81 3.91
CA HIS B 62 22.62 -0.79 4.68
C HIS B 62 24.10 -0.56 4.30
N GLU B 63 24.80 -1.63 3.95
CA GLU B 63 26.22 -1.56 3.57
C GLU B 63 26.43 -1.05 2.15
N LYS B 64 25.62 -1.54 1.21
CA LYS B 64 25.64 -1.15 -0.21
C LYS B 64 26.58 -0.01 -0.59
N ARG B 65 26.09 1.22 -0.43
CA ARG B 65 26.89 2.38 -0.74
C ARG B 65 26.99 3.23 0.51
N ASP B 66 26.80 2.59 1.67
CA ASP B 66 26.83 3.29 2.95
C ASP B 66 25.49 4.03 3.00
N LEU B 67 24.58 3.53 2.15
CA LEU B 67 23.23 4.05 1.98
C LEU B 67 22.61 4.48 3.30
N ALA B 68 22.77 3.65 4.32
CA ALA B 68 22.23 3.95 5.63
C ALA B 68 22.63 5.36 6.06
N SER B 69 23.92 5.66 5.93
CA SER B 69 24.44 6.97 6.31
C SER B 69 23.84 8.06 5.44
N ARG B 70 23.74 7.80 4.14
CA ARG B 70 23.16 8.77 3.23
C ARG B 70 21.68 9.09 3.51
N ILE B 71 20.89 8.06 3.83
CA ILE B 71 19.46 8.23 4.10
C ILE B 71 19.25 9.01 5.40
N VAL B 72 20.04 8.70 6.43
CA VAL B 72 19.91 9.41 7.69
C VAL B 72 20.22 10.91 7.50
N SER B 73 21.31 11.23 6.80
CA SER B 73 21.63 12.66 6.62
C SER B 73 20.56 13.34 5.78
N THR B 74 20.10 12.65 4.73
CA THR B 74 19.05 13.21 3.89
C THR B 74 17.88 13.54 4.80
N GLN B 75 17.50 12.59 5.67
CA GLN B 75 16.39 12.84 6.59
C GLN B 75 16.70 13.98 7.54
N HIS B 76 17.94 14.05 8.00
CA HIS B 76 18.34 15.13 8.90
C HIS B 76 18.30 16.49 8.22
N HIS B 77 18.55 16.51 6.92
CA HIS B 77 18.49 17.76 6.15
C HIS B 77 17.08 18.31 6.23
N HIS B 78 16.12 17.40 6.39
CA HIS B 78 14.72 17.79 6.48
C HIS B 78 14.11 17.26 7.77
N HIS B 79 14.92 17.15 8.83
CA HIS B 79 14.42 16.60 10.09
C HIS B 79 13.14 17.28 10.58
N ASP B 80 12.97 18.55 10.21
CA ASP B 80 11.76 19.26 10.61
C ASP B 80 10.52 18.53 10.10
N LEU B 81 10.63 17.83 8.98
CA LEU B 81 9.50 17.10 8.41
C LEU B 81 9.35 15.69 8.99
N SER B 82 10.36 15.25 9.72
CA SER B 82 10.37 13.91 10.31
C SER B 82 9.92 13.82 11.76
N VAL B 83 8.99 12.91 12.01
CA VAL B 83 8.49 12.69 13.34
C VAL B 83 9.36 11.62 13.97
N ALA B 84 9.49 10.49 13.27
CA ALA B 84 10.28 9.37 13.76
C ALA B 84 10.33 8.24 12.76
N THR B 85 11.33 7.38 12.90
CA THR B 85 11.51 6.25 12.00
C THR B 85 11.60 4.91 12.73
N LEU B 86 10.91 3.89 12.20
CA LEU B 86 10.97 2.55 12.78
C LEU B 86 11.88 1.76 11.85
N HIS B 87 12.80 0.98 12.41
CA HIS B 87 13.76 0.24 11.61
C HIS B 87 13.83 -1.20 12.05
N VAL B 88 13.74 -2.11 11.11
CA VAL B 88 13.79 -3.52 11.42
C VAL B 88 14.86 -4.18 10.58
N HIS B 89 15.85 -4.75 11.24
CA HIS B 89 16.94 -5.41 10.55
C HIS B 89 16.43 -6.79 10.19
N ILE B 90 15.80 -6.88 9.02
CA ILE B 90 15.21 -8.13 8.56
C ILE B 90 16.21 -9.27 8.33
N ASN B 91 17.38 -8.96 7.78
CA ASN B 91 18.39 -9.99 7.58
C ASN B 91 19.77 -9.38 7.75
N HIS B 92 20.81 -10.10 7.32
CA HIS B 92 22.18 -9.62 7.46
C HIS B 92 22.49 -8.37 6.63
N ASP B 93 21.83 -8.22 5.48
CA ASP B 93 22.09 -7.08 4.61
C ASP B 93 20.93 -6.11 4.41
N ASP B 94 19.71 -6.59 4.60
CA ASP B 94 18.56 -5.73 4.37
C ASP B 94 17.91 -5.10 5.60
N CYS B 95 17.49 -3.86 5.41
CA CYS B 95 16.83 -3.08 6.44
C CYS B 95 15.49 -2.60 5.93
N LEU B 96 14.50 -2.65 6.80
CA LEU B 96 13.15 -2.17 6.50
C LEU B 96 12.92 -0.95 7.37
N GLU B 97 12.63 0.19 6.76
CA GLU B 97 12.37 1.41 7.51
C GLU B 97 11.05 2.07 7.17
N ILE B 98 10.41 2.59 8.21
CA ILE B 98 9.14 3.28 8.03
C ILE B 98 9.31 4.63 8.70
N ALA B 99 9.24 5.68 7.89
CA ALA B 99 9.38 7.03 8.41
C ALA B 99 8.01 7.68 8.43
N VAL B 100 7.65 8.22 9.58
CA VAL B 100 6.39 8.92 9.72
C VAL B 100 6.82 10.35 9.51
N LEU B 101 6.19 10.99 8.54
CA LEU B 101 6.51 12.35 8.15
C LEU B 101 5.35 13.29 8.45
N LYS B 102 5.67 14.57 8.65
CA LYS B 102 4.64 15.55 8.94
C LYS B 102 5.01 16.93 8.37
N GLY B 103 3.99 17.67 7.96
CA GLY B 103 4.23 18.99 7.41
C GLY B 103 3.45 19.27 6.15
N ASP B 104 4.03 20.10 5.30
CA ASP B 104 3.44 20.48 4.01
C ASP B 104 3.50 19.25 3.11
N MSE B 105 2.36 18.85 2.55
CA MSE B 105 2.32 17.68 1.68
C MSE B 105 3.27 17.84 0.50
O MSE B 105 3.88 16.88 0.04
CB MSE B 105 0.90 17.42 1.16
CG MSE B 105 -0.11 17.12 2.26
SE MSE B 105 0.38 15.61 3.38
CE MSE B 105 -0.76 14.28 2.62
N GLY B 106 3.41 19.07 0.02
CA GLY B 106 4.32 19.30 -1.07
C GLY B 106 5.74 18.94 -0.68
N ASP B 107 6.21 19.48 0.43
CA ASP B 107 7.58 19.21 0.88
C ASP B 107 7.78 17.74 1.30
N VAL B 108 6.73 17.13 1.86
CA VAL B 108 6.82 15.74 2.26
C VAL B 108 7.06 14.88 1.01
N GLN B 109 6.25 15.11 -0.03
CA GLN B 109 6.39 14.35 -1.26
C GLN B 109 7.78 14.46 -1.88
N HIS B 110 8.37 15.64 -1.83
CA HIS B 110 9.72 15.77 -2.40
C HIS B 110 10.72 15.09 -1.50
N PHE B 111 10.50 15.21 -0.20
CA PHE B 111 11.37 14.60 0.77
C PHE B 111 11.33 13.08 0.52
N ALA B 112 10.17 12.56 0.13
CA ALA B 112 10.05 11.13 -0.12
C ALA B 112 10.89 10.74 -1.32
N ASP B 113 10.85 11.56 -2.37
CA ASP B 113 11.63 11.28 -3.56
C ASP B 113 13.12 11.25 -3.22
N ASP B 114 13.57 12.16 -2.35
CA ASP B 114 14.97 12.24 -1.93
C ASP B 114 15.45 10.94 -1.30
N VAL B 115 14.55 10.28 -0.58
CA VAL B 115 14.89 9.04 0.11
C VAL B 115 14.80 7.76 -0.71
N ILE B 116 13.66 7.52 -1.37
CA ILE B 116 13.50 6.27 -2.10
C ILE B 116 13.81 6.22 -3.60
N ALA B 117 13.87 7.38 -4.25
CA ALA B 117 14.15 7.45 -5.68
C ALA B 117 15.65 7.37 -5.99
N GLN B 118 16.28 6.29 -5.56
CA GLN B 118 17.71 6.10 -5.79
C GLN B 118 18.07 4.62 -5.77
N ARG B 119 19.26 4.30 -6.26
CA ARG B 119 19.73 2.92 -6.33
C ARG B 119 19.92 2.34 -4.94
N GLY B 120 19.59 1.06 -4.78
CA GLY B 120 19.75 0.41 -3.49
C GLY B 120 18.50 0.48 -2.63
N VAL B 121 17.53 1.29 -3.03
CA VAL B 121 16.29 1.39 -2.29
C VAL B 121 15.22 0.65 -3.07
N ARG B 122 14.55 -0.29 -2.42
CA ARG B 122 13.51 -1.07 -3.06
C ARG B 122 12.20 -0.96 -2.28
N HIS B 123 11.11 -1.38 -2.91
CA HIS B 123 9.80 -1.40 -2.29
C HIS B 123 9.42 -0.07 -1.64
N GLY B 124 9.92 1.02 -2.19
CA GLY B 124 9.58 2.31 -1.64
C GLY B 124 8.13 2.64 -1.86
N HIS B 125 7.44 3.05 -0.80
CA HIS B 125 6.04 3.42 -0.94
C HIS B 125 5.70 4.60 -0.03
N LEU B 126 4.90 5.52 -0.53
CA LEU B 126 4.51 6.68 0.24
C LEU B 126 2.99 6.74 0.35
N GLN B 127 2.52 6.90 1.57
CA GLN B 127 1.08 7.01 1.82
C GLN B 127 0.85 8.35 2.49
N CYS B 128 0.10 9.22 1.82
CA CYS B 128 -0.19 10.54 2.35
C CYS B 128 -1.49 10.55 3.14
N LEU B 129 -1.53 11.32 4.21
CA LEU B 129 -2.71 11.42 5.05
C LEU B 129 -2.92 12.90 5.42
N PRO B 130 -3.46 13.68 4.48
CA PRO B 130 -3.71 15.12 4.70
C PRO B 130 -4.80 15.41 5.71
N LYS B 131 -4.66 16.54 6.41
CA LYS B 131 -5.64 16.96 7.40
C LYS B 131 -6.83 17.62 6.70
NI NI C . -2.78 7.67 19.89
C1 3CM D . 4.28 1.63 -6.37
C2 3CM D . 5.07 2.51 -5.36
C3 3CM D . 6.15 3.28 -6.10
C4 3CM D . 7.08 2.28 -6.84
C5 3CM D . 6.24 1.41 -7.80
C6 3CM D . 7.10 0.38 -8.51
O2 3CM D . 4.13 3.41 -4.69
O3 3CM D . 6.88 4.08 -5.14
O5 3CM D . 5.20 0.73 -7.08
O6 3CM D . 7.44 -0.70 -7.64
O1 3CM D . 3.67 2.53 -7.30
O4 3CM D . 8.07 2.98 -7.57
C10 3CM D . 0.17 3.20 -9.43
C20 3CM D . 0.11 3.54 -7.92
C30 3CM D . 1.56 3.71 -7.46
C40 3CM D . 2.30 2.38 -7.74
C50 3CM D . 2.28 2.06 -9.22
C60 3CM D . 2.94 0.72 -9.56
O10 3CM D . -1.16 3.02 -9.91
O20 3CM D . -0.61 4.73 -7.70
O30 3CM D . 1.58 4.00 -6.07
O50 3CM D . 0.91 1.98 -9.66
O60 3CM D . 3.42 0.77 -10.93
C11 3CM D . -1.35 3.45 -11.27
C21 3CM D . -2.83 3.48 -11.54
C31 3CM D . -3.05 4.75 -12.34
C12 3CM D . -4.52 5.13 -12.34
C22 3CM D . -4.98 5.39 -13.76
C32 3CM D . -5.94 6.53 -13.99
C42 3CM D . -6.86 6.89 -12.80
C52 3CM D . -6.05 7.10 -11.51
C62 3CM D . -4.74 6.28 -11.38
NI NI E . 18.95 -2.52 9.57
#